data_9G65
#
_entry.id   9G65
#
_cell.length_a   87.240
_cell.length_b   78.509
_cell.length_c   43.159
_cell.angle_alpha   90.000
_cell.angle_beta   95.132
_cell.angle_gamma   90.000
#
_symmetry.space_group_name_H-M   'C 1 2 1'
#
loop_
_entity.id
_entity.type
_entity.pdbx_description
1 polymer 'Engineered photoenzyme SpEnT1.3'
2 non-polymer DI(HYDROXYETHYL)ETHER
3 non-polymer 'TRIETHYLENE GLYCOL'
4 non-polymer 'MAGNESIUM ION'
5 water water
#
_entity_poly.entity_id   1
_entity_poly.type   'polypeptide(L)'
_entity_poly.pdbx_seq_one_letter_code
;MEIPVIEPLFTKVTEDIPGAAGCVFDKNGDFYIVAPAVEVNGKPAGEILRIDLKTGKKTVICKPEVNGYGGIPAGCQCDR
DANQLFVADMRLGLLVVQTDGTFEEIAKKDSEGRRMQGCAGCAFDYEGNLWITAPAGEVAPADFTISLQEKFGSIYCFTT
DGQMIQVDTAFQAPAGIAVRHMNDGRPYQLIVAEQPTKKLWSYDIKGPAKIENKKVWGHIPGTHKLGAAGMDFDEDNNLL
VAN(A1IHG)GSSHIEVFGPDGGQPKMRIRCPFEKPCALHFKPQTKTIFVTELENNAVWKFEWQRNGKKQYCETLKFGIF
GSLEWSHPQFEK
;
_entity_poly.pdbx_strand_id   A
#
loop_
_chem_comp.id
_chem_comp.type
_chem_comp.name
_chem_comp.formula
MG non-polymer 'MAGNESIUM ION' 'Mg 2'
PEG non-polymer DI(HYDROXYETHYL)ETHER 'C4 H10 O3'
PGE non-polymer 'TRIETHYLENE GLYCOL' 'C6 H14 O4'
#
# COMPACT_ATOMS: atom_id res chain seq x y z
N MET A 1 13.21 26.61 -10.06
CA MET A 1 12.58 25.73 -9.04
C MET A 1 13.17 24.32 -9.09
N GLU A 2 14.41 24.16 -8.64
CA GLU A 2 14.98 22.83 -8.45
C GLU A 2 14.51 22.24 -7.12
N ILE A 3 14.22 20.95 -7.11
CA ILE A 3 13.67 20.27 -5.93
C ILE A 3 14.85 19.82 -5.06
N PRO A 4 14.94 20.26 -3.81
CA PRO A 4 16.07 19.84 -2.97
C PRO A 4 16.02 18.35 -2.62
N VAL A 5 17.20 17.73 -2.56
CA VAL A 5 17.36 16.30 -2.36
C VAL A 5 18.20 16.06 -1.11
N ILE A 6 17.81 15.07 -0.31
CA ILE A 6 18.67 14.58 0.76
C ILE A 6 19.05 13.13 0.47
N GLU A 7 20.18 12.73 1.04
CA GLU A 7 20.73 11.38 0.84
C GLU A 7 21.04 10.75 2.19
N PRO A 8 20.01 10.47 3.00
CA PRO A 8 20.28 9.83 4.30
C PRO A 8 20.94 8.47 4.13
N LEU A 9 21.50 7.97 5.23
CA LEU A 9 22.07 6.64 5.26
C LEU A 9 20.96 5.59 5.29
N PHE A 10 21.00 4.66 4.34
CA PHE A 10 20.11 3.50 4.32
C PHE A 10 20.84 2.30 4.88
N THR A 11 20.14 1.48 5.64
CA THR A 11 20.70 0.25 6.19
C THR A 11 19.87 -0.92 5.68
N LYS A 12 20.55 -1.94 5.15
CA LYS A 12 19.85 -3.12 4.67
C LYS A 12 19.29 -3.93 5.84
N VAL A 13 18.08 -4.44 5.65
CA VAL A 13 17.35 -5.14 6.70
C VAL A 13 17.23 -6.63 6.39
N THR A 14 16.82 -6.95 5.17
CA THR A 14 16.74 -8.33 4.70
C THR A 14 16.83 -8.27 3.18
N GLU A 15 17.07 -9.43 2.56
CA GLU A 15 17.30 -9.45 1.13
C GLU A 15 16.73 -10.75 0.55
N ASP A 16 16.70 -10.78 -0.78
CA ASP A 16 16.28 -11.94 -1.54
C ASP A 16 14.80 -12.23 -1.39
N ILE A 17 13.97 -11.20 -1.47
CA ILE A 17 12.51 -11.36 -1.46
CA ILE A 17 12.51 -11.35 -1.46
C ILE A 17 11.99 -10.87 -2.81
N PRO A 18 11.92 -11.74 -3.82
CA PRO A 18 11.42 -11.32 -5.13
C PRO A 18 10.05 -10.66 -5.04
N GLY A 19 9.97 -9.45 -5.60
CA GLY A 19 8.72 -8.70 -5.65
C GLY A 19 8.37 -7.96 -4.38
N ALA A 20 9.25 -8.00 -3.36
CA ALA A 20 8.96 -7.39 -2.06
C ALA A 20 8.16 -6.11 -2.21
N ALA A 21 6.91 -6.13 -1.74
CA ALA A 21 6.04 -4.97 -1.88
C ALA A 21 5.54 -4.49 -0.54
N GLY A 22 4.21 -4.52 -0.35
CA GLY A 22 3.62 -4.08 0.89
C GLY A 22 4.42 -4.49 2.11
N CYS A 23 4.41 -3.65 3.15
CA CYS A 23 5.00 -4.07 4.41
C CYS A 23 4.29 -3.34 5.53
N VAL A 24 4.33 -3.92 6.72
CA VAL A 24 3.51 -3.43 7.82
C VAL A 24 4.14 -3.88 9.13
N PHE A 25 3.89 -3.11 10.18
CA PHE A 25 4.10 -3.53 11.55
C PHE A 25 2.76 -3.91 12.16
N ASP A 26 2.73 -5.02 12.87
CA ASP A 26 1.50 -5.39 13.54
C ASP A 26 1.51 -4.81 14.96
N LYS A 27 0.52 -5.21 15.76
CA LYS A 27 0.33 -4.58 17.06
C LYS A 27 1.38 -5.02 18.06
N ASN A 28 2.15 -6.06 17.76
CA ASN A 28 3.24 -6.49 18.61
C ASN A 28 4.58 -5.96 18.13
N GLY A 29 4.57 -5.06 17.15
CA GLY A 29 5.82 -4.56 16.59
C GLY A 29 6.55 -5.54 15.72
N ASP A 30 5.93 -6.66 15.34
CA ASP A 30 6.49 -7.55 14.35
C ASP A 30 6.30 -6.99 12.95
N PHE A 31 7.22 -7.34 12.05
CA PHE A 31 7.32 -6.74 10.73
C PHE A 31 7.01 -7.77 9.65
N TYR A 32 6.13 -7.41 8.72
CA TYR A 32 5.71 -8.31 7.65
C TYR A 32 5.95 -7.69 6.28
N ILE A 33 6.31 -8.55 5.35
CA ILE A 33 6.49 -8.23 3.94
C ILE A 33 5.54 -9.11 3.14
N VAL A 34 4.82 -8.53 2.19
CA VAL A 34 4.13 -9.33 1.19
C VAL A 34 5.00 -9.36 -0.06
N ALA A 35 5.06 -10.54 -0.69
CA ALA A 35 5.94 -10.79 -1.83
C ALA A 35 5.08 -11.26 -3.00
N PRO A 36 4.64 -10.34 -3.86
CA PRO A 36 3.89 -10.71 -5.08
C PRO A 36 4.80 -11.26 -6.18
N ALA A 37 5.09 -12.56 -6.12
CA ALA A 37 6.02 -13.18 -7.03
C ALA A 37 5.32 -14.30 -7.79
N VAL A 38 5.92 -14.67 -8.92
CA VAL A 38 5.46 -15.75 -9.77
C VAL A 38 6.64 -16.68 -10.03
N GLU A 39 6.33 -17.89 -10.47
CA GLU A 39 7.37 -18.83 -10.85
C GLU A 39 7.82 -18.54 -12.27
N VAL A 40 8.80 -19.30 -12.73
CA VAL A 40 9.36 -19.06 -14.06
C VAL A 40 8.26 -19.16 -15.12
N ASN A 41 7.42 -20.19 -15.02
CA ASN A 41 6.37 -20.41 -16.01
C ASN A 41 5.26 -19.38 -15.92
N GLY A 42 5.21 -18.59 -14.86
CA GLY A 42 4.20 -17.55 -14.69
C GLY A 42 3.14 -17.85 -13.65
N LYS A 43 3.11 -19.05 -13.09
CA LYS A 43 2.08 -19.38 -12.11
C LYS A 43 2.24 -18.50 -10.88
N PRO A 44 1.18 -17.85 -10.39
CA PRO A 44 1.26 -17.14 -9.11
C PRO A 44 1.91 -18.01 -8.03
N ALA A 45 2.78 -17.38 -7.25
CA ALA A 45 3.41 -18.03 -6.11
C ALA A 45 3.65 -16.97 -5.02
N GLY A 46 2.59 -16.24 -4.68
CA GLY A 46 2.70 -15.17 -3.72
C GLY A 46 2.97 -15.66 -2.31
N GLU A 47 3.50 -14.77 -1.49
CA GLU A 47 3.90 -15.12 -0.14
C GLU A 47 3.75 -13.93 0.78
N ILE A 48 3.41 -14.24 2.04
CA ILE A 48 3.40 -13.28 3.12
C ILE A 48 4.41 -13.75 4.16
N LEU A 49 5.32 -12.86 4.55
CA LEU A 49 6.44 -13.26 5.37
C LEU A 49 6.60 -12.33 6.56
N ARG A 50 7.13 -12.88 7.65
CA ARG A 50 7.51 -12.15 8.84
C ARG A 50 9.02 -12.05 8.90
N ILE A 51 9.53 -10.88 9.25
CA ILE A 51 10.97 -10.61 9.23
C ILE A 51 11.42 -10.35 10.67
N ASP A 52 12.41 -11.12 11.11
CA ASP A 52 13.12 -10.77 12.35
C ASP A 52 14.05 -9.61 12.05
N LEU A 53 13.88 -8.50 12.77
CA LEU A 53 14.59 -7.27 12.41
C LEU A 53 16.00 -7.21 12.97
N LYS A 54 16.26 -7.86 14.12
CA LYS A 54 17.63 -7.90 14.63
C LYS A 54 18.54 -8.79 13.79
N THR A 55 17.97 -9.75 13.05
CA THR A 55 18.77 -10.68 12.26
C THR A 55 18.51 -10.65 10.77
N GLY A 56 17.39 -10.09 10.33
CA GLY A 56 16.99 -10.16 8.94
C GLY A 56 16.47 -11.50 8.49
N LYS A 57 16.31 -12.46 9.41
CA LYS A 57 15.82 -13.79 9.07
C LYS A 57 14.34 -13.73 8.72
N LYS A 58 13.94 -14.54 7.74
CA LYS A 58 12.59 -14.49 7.19
C LYS A 58 11.84 -15.77 7.50
N THR A 59 10.53 -15.63 7.68
CA THR A 59 9.64 -16.76 7.92
C THR A 59 8.39 -16.60 7.06
N VAL A 60 8.14 -17.57 6.18
CA VAL A 60 6.91 -17.56 5.39
C VAL A 60 5.76 -17.97 6.29
N ILE A 61 4.81 -17.08 6.50
CA ILE A 61 3.64 -17.43 7.29
C ILE A 61 2.45 -17.88 6.44
N CYS A 62 2.41 -17.52 5.16
CA CYS A 62 1.24 -17.80 4.34
C CYS A 62 1.64 -17.78 2.87
N LYS A 63 1.14 -18.76 2.12
CA LYS A 63 1.16 -18.76 0.66
C LYS A 63 -0.30 -18.77 0.21
N PRO A 64 -0.92 -17.61 0.03
CA PRO A 64 -2.37 -17.61 -0.26
C PRO A 64 -2.70 -18.37 -1.53
N GLU A 65 -3.83 -19.08 -1.49
CA GLU A 65 -4.25 -19.94 -2.58
C GLU A 65 -5.75 -20.17 -2.42
N VAL A 66 -6.48 -20.15 -3.55
CA VAL A 66 -7.92 -20.39 -3.54
C VAL A 66 -8.25 -21.25 -4.76
N ASN A 67 -8.82 -22.44 -4.52
CA ASN A 67 -9.14 -23.35 -5.60
C ASN A 67 -7.89 -23.64 -6.44
N GLY A 68 -6.74 -23.72 -5.79
CA GLY A 68 -5.50 -23.92 -6.49
C GLY A 68 -5.03 -22.76 -7.32
N TYR A 69 -5.66 -21.58 -7.17
CA TYR A 69 -5.19 -20.36 -7.80
C TYR A 69 -4.37 -19.59 -6.77
N GLY A 70 -3.09 -19.35 -7.11
CA GLY A 70 -2.20 -18.69 -6.19
C GLY A 70 -2.44 -17.19 -6.11
N GLY A 71 -2.03 -16.61 -4.99
CA GLY A 71 -2.23 -15.19 -4.79
C GLY A 71 -1.02 -14.36 -5.23
N ILE A 72 -1.28 -13.07 -5.44
CA ILE A 72 -0.24 -12.09 -5.73
C ILE A 72 -0.43 -10.96 -4.72
N PRO A 73 -0.17 -11.21 -3.43
CA PRO A 73 -0.40 -10.17 -2.42
C PRO A 73 0.61 -9.04 -2.58
N ALA A 74 0.12 -7.81 -2.52
CA ALA A 74 0.94 -6.65 -2.87
C ALA A 74 0.91 -5.55 -1.82
N GLY A 75 -0.22 -5.40 -1.12
CA GLY A 75 -0.36 -4.36 -0.14
C GLY A 75 -0.97 -4.93 1.13
N CYS A 76 -0.80 -4.18 2.23
CA CYS A 76 -1.20 -4.72 3.53
CA CYS A 76 -1.18 -4.71 3.53
C CYS A 76 -1.40 -3.59 4.53
N GLN A 77 -2.37 -3.79 5.42
CA GLN A 77 -2.71 -2.94 6.54
C GLN A 77 -2.99 -3.83 7.75
N CYS A 78 -2.60 -3.38 8.93
CA CYS A 78 -2.93 -4.12 10.14
C CYS A 78 -4.23 -3.60 10.73
N ASP A 79 -5.07 -4.53 11.21
CA ASP A 79 -6.32 -4.19 11.86
C ASP A 79 -6.07 -3.60 13.25
N ARG A 80 -7.10 -2.97 13.81
CA ARG A 80 -6.98 -2.33 15.11
C ARG A 80 -7.50 -3.25 16.22
N ASP A 81 -8.73 -3.72 16.09
CA ASP A 81 -9.38 -4.43 17.19
C ASP A 81 -8.82 -5.84 17.35
N ALA A 82 -8.40 -6.46 16.25
CA ALA A 82 -7.75 -7.76 16.28
C ALA A 82 -6.40 -7.62 15.59
N ASN A 83 -5.42 -8.39 16.03
CA ASN A 83 -4.13 -8.38 15.35
C ASN A 83 -4.21 -9.33 14.16
N GLN A 84 -4.66 -8.79 13.03
CA GLN A 84 -4.79 -9.54 11.79
C GLN A 84 -4.49 -8.58 10.65
N LEU A 85 -4.04 -9.12 9.53
CA LEU A 85 -3.60 -8.32 8.41
C LEU A 85 -4.67 -8.34 7.32
N PHE A 86 -5.07 -7.16 6.86
CA PHE A 86 -5.85 -7.01 5.64
C PHE A 86 -4.91 -6.89 4.45
N VAL A 87 -5.02 -7.81 3.50
CA VAL A 87 -4.05 -7.97 2.43
C VAL A 87 -4.74 -7.79 1.09
N ALA A 88 -4.19 -6.92 0.26
CA ALA A 88 -4.68 -6.67 -1.09
C ALA A 88 -3.95 -7.57 -2.06
N ASP A 89 -4.68 -8.44 -2.75
CA ASP A 89 -4.11 -9.46 -3.60
C ASP A 89 -4.56 -9.25 -5.04
N MET A 90 -3.59 -9.24 -5.95
N MET A 90 -3.60 -9.21 -5.95
CA MET A 90 -3.86 -8.97 -7.36
CA MET A 90 -3.91 -8.93 -7.36
C MET A 90 -4.58 -10.11 -8.05
C MET A 90 -4.59 -10.10 -8.05
N ARG A 91 -4.58 -11.30 -7.46
CA ARG A 91 -5.31 -12.45 -7.98
C ARG A 91 -6.53 -12.79 -7.15
N LEU A 92 -6.54 -12.45 -5.86
CA LEU A 92 -7.53 -12.96 -4.93
C LEU A 92 -8.40 -11.87 -4.29
N GLY A 93 -8.09 -10.60 -4.51
CA GLY A 93 -8.93 -9.53 -3.96
C GLY A 93 -8.42 -9.10 -2.60
N LEU A 94 -9.32 -9.05 -1.63
CA LEU A 94 -8.99 -8.69 -0.26
C LEU A 94 -8.99 -9.95 0.61
N LEU A 95 -7.87 -10.17 1.26
CA LEU A 95 -7.71 -11.24 2.23
C LEU A 95 -7.58 -10.65 3.63
N VAL A 96 -8.04 -11.40 4.62
CA VAL A 96 -7.68 -11.15 6.01
C VAL A 96 -6.83 -12.33 6.47
N VAL A 97 -5.61 -12.03 6.93
CA VAL A 97 -4.60 -13.02 7.22
C VAL A 97 -4.25 -12.94 8.70
N GLN A 98 -4.36 -14.08 9.38
CA GLN A 98 -3.95 -14.15 10.78
C GLN A 98 -2.44 -14.32 10.88
N THR A 99 -1.90 -13.93 12.03
CA THR A 99 -0.48 -14.17 12.28
C THR A 99 -0.17 -15.66 12.36
N ASP A 100 -1.18 -16.50 12.62
CA ASP A 100 -1.03 -17.95 12.52
C ASP A 100 -1.14 -18.45 11.08
N GLY A 101 -1.07 -17.55 10.09
CA GLY A 101 -0.98 -17.93 8.70
C GLY A 101 -2.29 -18.32 8.04
N THR A 102 -3.35 -18.59 8.80
CA THR A 102 -4.64 -18.87 8.21
C THR A 102 -5.26 -17.59 7.68
N PHE A 103 -6.04 -17.70 6.61
CA PHE A 103 -6.60 -16.53 5.98
C PHE A 103 -8.02 -16.81 5.50
N GLU A 104 -8.72 -15.72 5.22
CA GLU A 104 -10.08 -15.74 4.68
C GLU A 104 -10.15 -14.78 3.50
N GLU A 105 -10.69 -15.25 2.38
CA GLU A 105 -11.07 -14.37 1.29
C GLU A 105 -12.30 -13.57 1.69
N ILE A 106 -12.27 -12.27 1.45
CA ILE A 106 -13.29 -11.39 2.01
C ILE A 106 -14.48 -11.23 1.08
N ALA A 107 -14.25 -11.08 -0.22
CA ALA A 107 -15.36 -10.86 -1.14
C ALA A 107 -15.03 -11.42 -2.52
N LYS A 108 -15.95 -12.24 -3.05
CA LYS A 108 -15.87 -12.64 -4.45
C LYS A 108 -16.57 -11.63 -5.37
N LYS A 109 -17.47 -10.82 -4.83
CA LYS A 109 -18.20 -9.83 -5.62
C LYS A 109 -18.35 -8.55 -4.80
N ASP A 110 -18.53 -7.43 -5.51
CA ASP A 110 -18.75 -6.16 -4.84
C ASP A 110 -20.26 -5.92 -4.66
N SER A 111 -20.61 -4.76 -4.10
CA SER A 111 -21.98 -4.49 -3.68
C SER A 111 -22.94 -4.31 -4.85
N GLU A 112 -22.44 -4.23 -6.09
CA GLU A 112 -23.29 -4.18 -7.26
C GLU A 112 -23.37 -5.51 -7.98
N GLY A 113 -22.85 -6.58 -7.37
CA GLY A 113 -22.88 -7.90 -7.96
C GLY A 113 -21.74 -8.20 -8.92
N ARG A 114 -20.83 -7.25 -9.15
CA ARG A 114 -19.72 -7.50 -10.06
C ARG A 114 -18.68 -8.40 -9.41
N ARG A 115 -18.06 -9.26 -10.22
CA ARG A 115 -16.86 -9.95 -9.78
C ARG A 115 -15.82 -8.95 -9.29
N MET A 116 -15.14 -9.33 -8.20
CA MET A 116 -14.12 -8.49 -7.60
C MET A 116 -12.90 -8.37 -8.52
N GLN A 117 -12.27 -7.21 -8.50
CA GLN A 117 -11.01 -7.02 -9.21
C GLN A 117 -9.83 -7.26 -8.27
N GLY A 118 -8.71 -7.67 -8.85
CA GLY A 118 -7.49 -7.86 -8.08
C GLY A 118 -6.97 -6.55 -7.49
N CYS A 119 -6.54 -6.61 -6.23
CA CYS A 119 -6.20 -5.41 -5.46
C CYS A 119 -4.70 -5.31 -5.22
N ALA A 120 -4.25 -4.07 -4.98
CA ALA A 120 -2.82 -3.84 -4.84
C ALA A 120 -2.45 -3.06 -3.60
N GLY A 121 -3.09 -1.91 -3.37
CA GLY A 121 -2.80 -1.09 -2.21
C GLY A 121 -4.05 -0.89 -1.36
N CYS A 122 -3.83 -0.66 -0.06
CA CYS A 122 -4.95 -0.43 0.84
C CYS A 122 -4.50 0.43 2.00
N ALA A 123 -5.44 1.21 2.52
CA ALA A 123 -5.19 2.11 3.64
C ALA A 123 -6.47 2.22 4.47
N PHE A 124 -6.34 1.92 5.77
CA PHE A 124 -7.42 2.17 6.72
C PHE A 124 -7.53 3.67 6.99
N ASP A 125 -8.77 4.17 7.09
CA ASP A 125 -8.96 5.45 7.75
C ASP A 125 -9.21 5.20 9.24
N TYR A 126 -9.25 6.29 10.01
CA TYR A 126 -9.36 6.16 11.46
C TYR A 126 -10.71 5.64 11.93
N GLU A 127 -11.70 5.58 11.04
CA GLU A 127 -12.99 4.96 11.36
C GLU A 127 -13.02 3.47 11.04
N GLY A 128 -11.94 2.94 10.49
CA GLY A 128 -11.86 1.52 10.22
C GLY A 128 -12.32 1.08 8.86
N ASN A 129 -12.64 2.03 7.98
CA ASN A 129 -12.94 1.72 6.59
C ASN A 129 -11.64 1.57 5.82
N LEU A 130 -11.59 0.57 4.95
CA LEU A 130 -10.38 0.26 4.20
C LEU A 130 -10.57 0.69 2.75
N TRP A 131 -9.75 1.66 2.32
CA TRP A 131 -9.73 2.13 0.94
C TRP A 131 -8.66 1.34 0.16
N ILE A 132 -9.05 0.87 -1.01
CA ILE A 132 -8.27 -0.13 -1.75
C ILE A 132 -8.13 0.31 -3.20
N THR A 133 -6.93 0.13 -3.75
CA THR A 133 -6.71 0.25 -5.18
C THR A 133 -6.77 -1.12 -5.85
N ALA A 134 -7.33 -1.16 -7.07
CA ALA A 134 -7.49 -2.41 -7.80
C ALA A 134 -7.03 -2.20 -9.24
N PRO A 135 -5.73 -2.34 -9.50
CA PRO A 135 -5.23 -2.19 -10.88
C PRO A 135 -5.42 -3.42 -11.74
N ALA A 136 -5.72 -4.57 -11.17
CA ALA A 136 -5.89 -5.79 -11.93
C ALA A 136 -7.32 -5.92 -12.44
N GLY A 137 -7.53 -6.90 -13.33
CA GLY A 137 -8.85 -7.27 -13.78
C GLY A 137 -9.55 -8.13 -12.73
N GLU A 138 -10.54 -8.89 -13.19
CA GLU A 138 -11.29 -9.76 -12.29
C GLU A 138 -10.34 -10.71 -11.54
N VAL A 139 -10.72 -11.06 -10.32
CA VAL A 139 -9.95 -12.03 -9.57
C VAL A 139 -10.05 -13.41 -10.21
N ALA A 140 -9.16 -14.30 -9.79
CA ALA A 140 -9.22 -15.68 -10.24
C ALA A 140 -10.60 -16.27 -9.92
N PRO A 141 -11.08 -17.20 -10.74
CA PRO A 141 -10.35 -17.90 -11.82
C PRO A 141 -10.24 -17.16 -13.16
N ALA A 142 -10.65 -15.89 -13.25
CA ALA A 142 -10.49 -15.16 -14.49
C ALA A 142 -9.01 -15.04 -14.83
N ASP A 143 -8.73 -14.88 -16.12
CA ASP A 143 -7.36 -14.67 -16.58
C ASP A 143 -6.83 -13.36 -16.03
N PHE A 144 -5.60 -13.40 -15.52
CA PHE A 144 -4.98 -12.20 -14.98
C PHE A 144 -4.83 -11.13 -16.06
N THR A 145 -5.20 -9.90 -15.71
CA THR A 145 -5.01 -8.74 -16.60
C THR A 145 -4.69 -7.53 -15.73
N ILE A 146 -4.21 -6.48 -16.38
CA ILE A 146 -3.62 -5.34 -15.68
C ILE A 146 -3.95 -4.07 -16.45
N SER A 147 -4.39 -3.04 -15.71
CA SER A 147 -4.72 -1.75 -16.30
C SER A 147 -3.51 -0.84 -16.48
N LEU A 148 -2.37 -1.36 -16.95
CA LEU A 148 -1.21 -0.52 -17.16
C LEU A 148 -1.34 0.34 -18.42
N GLN A 149 -2.16 -0.08 -19.37
CA GLN A 149 -2.44 0.70 -20.57
C GLN A 149 -3.90 1.08 -20.67
N GLU A 150 -4.81 0.12 -20.48
CA GLU A 150 -6.24 0.40 -20.55
C GLU A 150 -6.77 0.78 -19.18
N LYS A 151 -7.79 1.64 -19.19
CA LYS A 151 -8.29 2.27 -17.96
C LYS A 151 -9.48 1.49 -17.40
N PHE A 152 -9.16 0.35 -16.77
CA PHE A 152 -10.15 -0.41 -16.03
C PHE A 152 -9.78 -0.58 -14.56
N GLY A 153 -8.77 0.13 -14.07
CA GLY A 153 -8.44 0.10 -12.65
C GLY A 153 -9.51 0.78 -11.81
N SER A 154 -9.70 0.26 -10.60
CA SER A 154 -10.80 0.68 -9.76
C SER A 154 -10.34 0.96 -8.33
N ILE A 155 -11.21 1.65 -7.60
CA ILE A 155 -11.01 2.00 -6.20
C ILE A 155 -12.18 1.43 -5.41
N TYR A 156 -11.88 0.82 -4.27
CA TYR A 156 -12.93 0.29 -3.40
C TYR A 156 -12.84 0.89 -2.01
N CYS A 157 -13.97 0.84 -1.31
CA CYS A 157 -14.03 1.04 0.14
C CYS A 157 -14.72 -0.17 0.76
N PHE A 158 -13.98 -0.90 1.60
CA PHE A 158 -14.55 -2.00 2.38
C PHE A 158 -14.89 -1.44 3.75
N THR A 159 -16.18 -1.28 4.02
CA THR A 159 -16.66 -0.51 5.15
C THR A 159 -16.72 -1.35 6.42
N THR A 160 -16.86 -0.66 7.56
CA THR A 160 -16.96 -1.35 8.85
C THR A 160 -18.20 -2.24 8.92
N ASP A 161 -19.20 -1.99 8.07
CA ASP A 161 -20.39 -2.83 8.02
C ASP A 161 -20.22 -4.05 7.14
N GLY A 162 -19.05 -4.21 6.50
CA GLY A 162 -18.79 -5.37 5.67
C GLY A 162 -19.18 -5.22 4.23
N GLN A 163 -19.41 -4.01 3.75
CA GLN A 163 -19.76 -3.78 2.35
C GLN A 163 -18.49 -3.49 1.54
N MET A 164 -18.32 -4.22 0.44
CA MET A 164 -17.23 -3.96 -0.50
C MET A 164 -17.79 -3.10 -1.63
N ILE A 165 -17.56 -1.80 -1.56
CA ILE A 165 -18.20 -0.84 -2.46
C ILE A 165 -17.17 -0.26 -3.42
N GLN A 166 -17.43 -0.37 -4.72
CA GLN A 166 -16.60 0.26 -5.73
C GLN A 166 -16.95 1.74 -5.80
N VAL A 167 -15.98 2.61 -5.49
CA VAL A 167 -16.26 4.03 -5.35
C VAL A 167 -15.77 4.86 -6.55
N ASP A 168 -14.85 4.33 -7.35
CA ASP A 168 -14.47 4.98 -8.59
C ASP A 168 -13.83 3.93 -9.51
N THR A 169 -13.71 4.27 -10.78
CA THR A 169 -13.07 3.35 -11.72
CA THR A 169 -13.24 3.36 -11.81
C THR A 169 -12.49 4.16 -12.87
N ALA A 170 -11.97 3.44 -13.87
CA ALA A 170 -11.34 4.03 -15.04
C ALA A 170 -9.97 4.63 -14.73
N PHE A 171 -9.24 4.03 -13.80
CA PHE A 171 -7.84 4.36 -13.56
C PHE A 171 -6.90 3.51 -14.43
N GLN A 172 -5.71 4.03 -14.64
CA GLN A 172 -4.63 3.30 -15.31
C GLN A 172 -3.65 2.90 -14.21
N ALA A 173 -3.78 1.65 -13.76
CA ALA A 173 -2.93 1.04 -12.75
C ALA A 173 -2.84 1.87 -11.48
N PRO A 174 -3.93 2.01 -10.73
CA PRO A 174 -3.83 2.57 -9.37
C PRO A 174 -2.92 1.70 -8.51
N ALA A 175 -2.11 2.34 -7.68
CA ALA A 175 -1.12 1.63 -6.88
C ALA A 175 -1.24 2.02 -5.42
N GLY A 176 -0.32 2.85 -4.93
CA GLY A 176 -0.36 3.31 -3.57
C GLY A 176 -1.60 4.12 -3.25
N ILE A 177 -1.85 4.28 -1.95
CA ILE A 177 -3.07 4.93 -1.49
C ILE A 177 -2.86 5.30 -0.03
N ALA A 178 -3.46 6.41 0.39
CA ALA A 178 -3.32 6.90 1.75
C ALA A 178 -4.51 7.78 2.08
N VAL A 179 -4.77 7.93 3.38
CA VAL A 179 -5.86 8.75 3.88
C VAL A 179 -5.27 9.86 4.73
N ARG A 180 -5.61 11.10 4.41
CA ARG A 180 -5.26 12.26 5.21
C ARG A 180 -6.37 12.52 6.22
N HIS A 181 -6.01 12.69 7.48
CA HIS A 181 -6.97 12.97 8.55
C HIS A 181 -6.78 14.38 9.08
N MET A 182 -7.89 15.02 9.43
CA MET A 182 -7.82 16.29 10.15
C MET A 182 -7.26 16.05 11.54
N ASN A 183 -6.90 17.15 12.21
CA ASN A 183 -6.35 17.05 13.55
C ASN A 183 -7.33 16.37 14.50
N ASP A 184 -8.63 16.54 14.28
CA ASP A 184 -9.65 15.92 15.12
C ASP A 184 -9.95 14.48 14.73
N GLY A 185 -9.14 13.87 13.88
CA GLY A 185 -9.25 12.46 13.57
C GLY A 185 -10.20 12.10 12.46
N ARG A 186 -10.97 13.04 11.95
CA ARG A 186 -11.91 12.67 10.90
C ARG A 186 -11.16 12.44 9.58
N PRO A 187 -11.48 11.36 8.86
CA PRO A 187 -10.96 11.24 7.49
C PRO A 187 -11.32 12.47 6.67
N TYR A 188 -10.34 13.01 5.96
CA TYR A 188 -10.57 14.22 5.17
C TYR A 188 -10.31 14.00 3.69
N GLN A 189 -9.16 13.45 3.34
CA GLN A 189 -8.78 13.29 1.95
C GLN A 189 -8.28 11.88 1.67
N LEU A 190 -8.67 11.36 0.51
CA LEU A 190 -8.10 10.12 -0.03
C LEU A 190 -7.13 10.49 -1.14
N ILE A 191 -5.93 9.93 -1.08
CA ILE A 191 -4.90 10.14 -2.10
C ILE A 191 -4.64 8.81 -2.80
N VAL A 192 -4.72 8.81 -4.13
CA VAL A 192 -4.52 7.61 -4.93
C VAL A 192 -3.40 7.86 -5.92
N ALA A 193 -2.42 6.95 -5.95
CA ALA A 193 -1.37 6.97 -6.96
C ALA A 193 -1.89 6.28 -8.22
N GLU A 194 -1.79 6.96 -9.37
CA GLU A 194 -2.05 6.36 -10.68
C GLU A 194 -0.69 6.16 -11.33
N GLN A 195 -0.18 4.93 -11.30
CA GLN A 195 1.27 4.75 -11.43
C GLN A 195 1.83 5.22 -12.77
N PRO A 196 1.31 4.79 -13.92
CA PRO A 196 1.96 5.15 -15.20
C PRO A 196 1.68 6.57 -15.68
N THR A 197 0.73 7.28 -15.08
CA THR A 197 0.38 8.63 -15.51
C THR A 197 1.11 9.71 -14.72
N LYS A 198 1.90 9.31 -13.73
CA LYS A 198 2.69 10.22 -12.92
C LYS A 198 1.81 11.15 -12.09
N LYS A 199 0.54 10.80 -11.89
CA LYS A 199 -0.39 11.63 -11.14
C LYS A 199 -0.69 11.02 -9.78
N LEU A 200 -0.85 11.89 -8.80
CA LEU A 200 -1.50 11.56 -7.53
C LEU A 200 -2.84 12.29 -7.50
N TRP A 201 -3.91 11.57 -7.20
CA TRP A 201 -5.24 12.14 -7.17
C TRP A 201 -5.71 12.28 -5.72
N SER A 202 -6.57 13.28 -5.47
CA SER A 202 -7.18 13.46 -4.17
C SER A 202 -8.70 13.46 -4.32
N TYR A 203 -9.38 12.92 -3.31
CA TYR A 203 -10.82 13.06 -3.15
C TYR A 203 -11.11 13.67 -1.78
N ASP A 204 -12.20 14.43 -1.68
CA ASP A 204 -12.78 14.75 -0.39
C ASP A 204 -13.53 13.53 0.14
N ILE A 205 -13.22 13.08 1.36
CA ILE A 205 -13.94 11.96 1.96
C ILE A 205 -15.12 12.53 2.75
N LYS A 206 -16.35 12.24 2.31
CA LYS A 206 -17.54 12.76 2.96
C LYS A 206 -18.18 11.75 3.91
N GLY A 207 -17.76 10.49 3.84
CA GLY A 207 -18.27 9.46 4.71
C GLY A 207 -17.74 8.10 4.30
N PRO A 208 -18.16 7.06 5.01
CA PRO A 208 -17.77 5.71 4.58
C PRO A 208 -18.15 5.47 3.13
N ALA A 209 -17.15 5.22 2.27
CA ALA A 209 -17.37 4.91 0.86
C ALA A 209 -18.00 6.06 0.09
N LYS A 210 -17.92 7.28 0.60
CA LYS A 210 -18.47 8.46 -0.05
C LYS A 210 -17.32 9.44 -0.26
N ILE A 211 -16.80 9.48 -1.48
CA ILE A 211 -15.72 10.39 -1.89
C ILE A 211 -16.25 11.24 -3.03
N GLU A 212 -15.70 12.45 -3.15
CA GLU A 212 -16.08 13.35 -4.23
C GLU A 212 -15.00 14.40 -4.43
N ASN A 213 -15.26 15.33 -5.34
CA ASN A 213 -14.34 16.41 -5.67
CA ASN A 213 -14.34 16.41 -5.66
C ASN A 213 -12.96 15.86 -6.03
N LYS A 214 -12.95 14.92 -6.99
CA LYS A 214 -11.72 14.31 -7.45
C LYS A 214 -10.90 15.29 -8.28
N LYS A 215 -9.61 15.33 -8.00
CA LYS A 215 -8.72 16.26 -8.69
C LYS A 215 -7.31 15.72 -8.67
N VAL A 216 -6.50 16.19 -9.62
CA VAL A 216 -5.07 15.92 -9.60
C VAL A 216 -4.46 16.72 -8.45
N TRP A 217 -3.83 16.03 -7.52
CA TRP A 217 -3.29 16.60 -6.30
C TRP A 217 -1.78 16.77 -6.32
N GLY A 218 -1.06 15.89 -7.01
CA GLY A 218 0.38 15.97 -7.06
C GLY A 218 0.91 15.41 -8.36
N HIS A 219 2.13 15.80 -8.69
CA HIS A 219 2.83 15.31 -9.86
C HIS A 219 4.09 14.58 -9.44
N ILE A 220 4.34 13.42 -10.05
CA ILE A 220 5.51 12.61 -9.75
C ILE A 220 6.57 12.92 -10.79
N PRO A 221 7.75 13.42 -10.40
CA PRO A 221 8.77 13.72 -11.40
C PRO A 221 9.31 12.43 -12.01
N GLY A 222 10.01 12.59 -13.12
CA GLY A 222 10.70 11.48 -13.75
C GLY A 222 10.14 11.13 -15.12
N THR A 223 11.02 10.66 -16.01
CA THR A 223 10.67 10.40 -17.39
C THR A 223 10.42 8.92 -17.67
N HIS A 224 10.59 8.04 -16.69
CA HIS A 224 10.43 6.62 -16.93
C HIS A 224 8.96 6.26 -17.05
N LYS A 225 8.71 4.97 -17.29
CA LYS A 225 7.37 4.49 -17.62
C LYS A 225 6.48 4.36 -16.39
N LEU A 226 7.05 4.13 -15.21
CA LEU A 226 6.26 3.92 -14.00
C LEU A 226 6.60 4.97 -12.95
N GLY A 227 5.57 5.59 -12.39
CA GLY A 227 5.76 6.59 -11.35
C GLY A 227 5.54 6.07 -9.94
N ALA A 228 4.53 6.60 -9.27
CA ALA A 228 4.37 6.37 -7.84
C ALA A 228 3.93 4.96 -7.52
N ALA A 229 4.52 4.39 -6.47
CA ALA A 229 4.13 3.11 -5.91
C ALA A 229 3.51 3.32 -4.53
N GLY A 230 4.17 2.85 -3.48
CA GLY A 230 3.63 2.98 -2.15
C GLY A 230 3.81 4.36 -1.56
N MET A 231 3.03 4.66 -0.53
CA MET A 231 3.01 5.98 0.09
C MET A 231 2.58 5.88 1.55
N ASP A 232 3.01 6.86 2.34
CA ASP A 232 2.56 7.00 3.72
C ASP A 232 2.80 8.43 4.19
N PHE A 233 1.95 8.87 5.14
CA PHE A 233 2.07 10.19 5.75
C PHE A 233 3.04 10.15 6.94
N ASP A 234 3.74 11.27 7.15
CA ASP A 234 4.44 11.49 8.41
C ASP A 234 3.52 12.29 9.34
N GLU A 235 3.98 12.55 10.56
CA GLU A 235 3.07 13.10 11.56
C GLU A 235 2.70 14.54 11.30
N ASP A 236 3.37 15.22 10.38
CA ASP A 236 2.97 16.54 9.93
C ASP A 236 2.11 16.49 8.69
N ASN A 237 1.68 15.30 8.27
CA ASN A 237 0.87 15.11 7.08
C ASN A 237 1.63 15.45 5.80
N ASN A 238 2.95 15.35 5.83
CA ASN A 238 3.73 15.24 4.61
C ASN A 238 3.59 13.82 4.06
N LEU A 239 3.34 13.72 2.75
CA LEU A 239 3.18 12.42 2.10
C LEU A 239 4.50 12.01 1.45
N LEU A 240 5.01 10.85 1.83
CA LEU A 240 6.20 10.27 1.22
C LEU A 240 5.77 9.22 0.22
N VAL A 241 6.32 9.29 -0.99
CA VAL A 241 5.84 8.49 -2.10
C VAL A 241 7.02 7.86 -2.81
N ALA A 242 7.06 6.52 -2.84
CA ALA A 242 8.07 5.81 -3.60
C ALA A 242 7.86 6.03 -5.10
N ASN A 243 8.90 6.55 -5.76
CA ASN A 243 8.87 6.80 -7.20
C ASN A 243 9.54 5.63 -7.89
N A1IHG A 244 8.73 4.67 -8.32
CA A1IHG A 244 9.26 3.40 -8.80
C A1IHG A 244 10.22 3.58 -10.01
CB A1IHG A 244 8.11 2.52 -9.20
CG A1IHG A 244 8.56 1.09 -9.57
CD1 A1IHG A 244 8.71 0.09 -8.57
CE1 A1IHG A 244 9.15 -1.21 -8.94
CZ A1IHG A 244 9.45 -1.49 -10.31
CE2 A1IHG A 244 9.33 -0.51 -11.32
C09 A1IHG A 244 9.68 -0.86 -12.78
C10 A1IHG A 244 10.18 -2.20 -13.42
C11 A1IHG A 244 10.47 -2.37 -14.81
C12 A1IHG A 244 10.93 -3.61 -15.34
C13 A1IHG A 244 11.12 -4.72 -14.48
C14 A1IHG A 244 10.83 -4.57 -13.11
C15 A1IHG A 244 10.37 -3.32 -12.59
CD2 A1IHG A 244 8.90 0.78 -10.91
O17 A1IHG A 244 9.54 0.08 -13.61
S16 A1IHG A 244 10.03 -3.17 -10.80
HB3 A1IHG A 244 7.35 2.50 -8.37
HB2 A1IHG A 244 7.54 3.00 -10.04
HD1 A1IHG A 244 8.48 0.34 -7.51
HE1 A1IHG A 244 9.24 -1.98 -8.13
H111 A1IHG A 244 10.34 -1.53 -15.52
H121 A1IHG A 244 11.16 -3.73 -16.43
O A1IHG A 244 11.31 2.89 -10.10
H131 A1IHG A 244 11.48 -5.68 -14.90
H141 A1IHG A 244 10.99 -5.46 -12.46
HD2 A1IHG A 244 8.80 1.57 -11.66
N GLY A 245 9.87 4.48 -10.93
CA GLY A 245 10.68 4.70 -12.10
C GLY A 245 11.86 5.59 -11.81
N SER A 246 12.45 5.43 -10.63
CA SER A 246 13.53 6.31 -10.23
C SER A 246 14.31 5.69 -9.06
N SER A 247 15.16 6.49 -8.44
CA SER A 247 15.91 6.11 -7.24
C SER A 247 15.50 6.98 -6.07
N HIS A 248 14.26 7.48 -6.08
CA HIS A 248 13.85 8.48 -5.12
C HIS A 248 12.52 8.16 -4.45
N ILE A 249 12.41 8.67 -3.23
CA ILE A 249 11.14 8.81 -2.51
C ILE A 249 10.79 10.28 -2.53
N GLU A 250 9.63 10.62 -3.06
CA GLU A 250 9.19 12.01 -3.13
C GLU A 250 8.51 12.41 -1.83
N VAL A 251 8.66 13.69 -1.47
CA VAL A 251 8.04 14.24 -0.27
C VAL A 251 7.15 15.39 -0.67
N PHE A 252 5.83 15.22 -0.51
CA PHE A 252 4.87 16.28 -0.75
C PHE A 252 4.44 16.91 0.57
N GLY A 253 4.24 18.22 0.53
CA GLY A 253 3.57 18.90 1.62
C GLY A 253 2.09 18.61 1.60
N PRO A 254 1.39 19.06 2.64
CA PRO A 254 -0.06 18.81 2.70
C PRO A 254 -0.82 19.35 1.51
N ASP A 255 -0.24 20.30 0.77
CA ASP A 255 -0.90 20.95 -0.36
C ASP A 255 -0.64 20.25 -1.69
N GLY A 256 0.11 19.15 -1.69
CA GLY A 256 0.40 18.47 -2.94
C GLY A 256 1.18 19.35 -3.90
N GLY A 257 0.90 19.17 -5.18
CA GLY A 257 1.62 19.87 -6.23
C GLY A 257 2.91 19.12 -6.60
N GLN A 258 4.01 19.86 -6.67
CA GLN A 258 5.33 19.27 -6.89
C GLN A 258 5.92 18.84 -5.55
N PRO A 259 6.74 17.80 -5.53
CA PRO A 259 7.46 17.46 -4.29
C PRO A 259 8.20 18.70 -3.79
N LYS A 260 8.18 18.89 -2.46
CA LYS A 260 9.02 19.92 -1.87
C LYS A 260 10.41 19.41 -1.52
N MET A 261 10.64 18.11 -1.60
CA MET A 261 11.91 17.48 -1.29
C MET A 261 11.90 16.07 -1.89
N ARG A 262 13.08 15.59 -2.26
CA ARG A 262 13.27 14.22 -2.71
C ARG A 262 14.28 13.53 -1.80
N ILE A 263 14.12 12.23 -1.62
CA ILE A 263 15.05 11.41 -0.85
C ILE A 263 15.71 10.44 -1.81
N ARG A 264 17.01 10.61 -2.06
CA ARG A 264 17.73 9.70 -2.95
C ARG A 264 18.08 8.39 -2.25
N CYS A 265 17.76 7.28 -2.91
CA CYS A 265 18.01 5.93 -2.42
C CYS A 265 19.24 5.32 -3.09
N PRO A 266 19.95 4.44 -2.40
CA PRO A 266 21.07 3.72 -3.05
C PRO A 266 20.61 2.59 -3.96
N PHE A 267 19.44 2.73 -4.57
CA PHE A 267 18.89 1.68 -5.40
C PHE A 267 17.78 2.26 -6.27
N GLU A 268 17.55 1.63 -7.40
CA GLU A 268 16.39 1.92 -8.22
C GLU A 268 15.17 1.16 -7.71
N LYS A 269 14.02 1.53 -8.22
CA LYS A 269 12.77 0.80 -8.07
C LYS A 269 12.31 0.64 -6.62
N PRO A 270 12.18 1.74 -5.88
CA PRO A 270 11.51 1.67 -4.57
C PRO A 270 10.02 1.38 -4.75
N CYS A 271 9.50 0.47 -3.91
CA CYS A 271 8.13 0.00 -4.07
C CYS A 271 7.27 0.45 -2.89
N ALA A 272 7.45 -0.14 -1.71
CA ALA A 272 6.58 0.09 -0.57
C ALA A 272 7.33 0.77 0.56
N LEU A 273 6.59 1.46 1.42
CA LEU A 273 7.22 2.07 2.58
CA LEU A 273 7.14 2.21 2.54
C LEU A 273 6.33 1.91 3.80
N HIS A 274 6.97 2.06 4.95
CA HIS A 274 6.23 2.01 6.20
C HIS A 274 7.11 2.50 7.33
N PHE A 275 6.53 3.36 8.18
CA PHE A 275 7.17 3.79 9.39
C PHE A 275 7.11 2.70 10.45
N LYS A 276 8.18 2.57 11.22
CA LYS A 276 8.11 1.83 12.47
C LYS A 276 7.33 2.65 13.48
N PRO A 277 6.34 2.08 14.16
CA PRO A 277 5.54 2.89 15.09
C PRO A 277 6.42 3.63 16.10
N GLN A 278 6.05 4.87 16.39
CA GLN A 278 6.67 5.66 17.44
C GLN A 278 8.13 5.98 17.15
N THR A 279 8.54 5.91 15.88
CA THR A 279 9.91 6.23 15.52
C THR A 279 9.92 7.05 14.23
N LYS A 280 11.08 7.62 13.93
CA LYS A 280 11.31 8.29 12.65
C LYS A 280 11.80 7.34 11.57
N THR A 281 11.79 6.04 11.84
CA THR A 281 12.45 5.06 10.99
C THR A 281 11.48 4.60 9.90
N ILE A 282 11.89 4.73 8.64
CA ILE A 282 11.10 4.30 7.49
C ILE A 282 11.73 3.05 6.89
N PHE A 283 10.92 2.02 6.69
CA PHE A 283 11.33 0.81 5.98
C PHE A 283 10.87 0.89 4.52
N VAL A 284 11.77 0.49 3.62
CA VAL A 284 11.56 0.63 2.18
C VAL A 284 11.88 -0.70 1.51
N THR A 285 10.98 -1.15 0.64
CA THR A 285 11.23 -2.31 -0.22
C THR A 285 11.62 -1.81 -1.61
N GLU A 286 12.50 -2.56 -2.27
CA GLU A 286 12.95 -2.17 -3.59
C GLU A 286 13.27 -3.39 -4.44
N LEU A 287 13.04 -3.24 -5.74
CA LEU A 287 13.07 -4.35 -6.68
C LEU A 287 14.29 -4.34 -7.60
N GLU A 288 15.25 -3.45 -7.38
CA GLU A 288 16.57 -3.63 -8.00
C GLU A 288 17.28 -4.82 -7.38
N ASN A 289 17.32 -4.89 -6.03
CA ASN A 289 17.93 -5.98 -5.30
C ASN A 289 16.92 -6.87 -4.58
N ASN A 290 15.63 -6.67 -4.79
CA ASN A 290 14.60 -7.44 -4.10
C ASN A 290 14.92 -7.53 -2.61
N ALA A 291 14.98 -6.34 -1.99
CA ALA A 291 15.49 -6.23 -0.64
C ALA A 291 14.70 -5.19 0.15
N VAL A 292 14.97 -5.16 1.46
CA VAL A 292 14.34 -4.22 2.37
C VAL A 292 15.42 -3.40 3.08
N TRP A 293 15.18 -2.09 3.17
CA TRP A 293 16.11 -1.18 3.83
C TRP A 293 15.34 -0.30 4.82
N LYS A 294 16.09 0.40 5.67
CA LYS A 294 15.52 1.42 6.53
C LYS A 294 16.41 2.66 6.52
N PHE A 295 15.79 3.80 6.82
CA PHE A 295 16.52 5.04 7.02
C PHE A 295 15.73 5.92 7.97
N GLU A 296 16.40 6.95 8.50
CA GLU A 296 15.78 7.87 9.44
C GLU A 296 15.23 9.08 8.70
N TRP A 297 13.95 9.39 8.95
CA TRP A 297 13.27 10.57 8.44
C TRP A 297 13.34 11.66 9.51
N GLN A 298 12.82 12.86 9.18
CA GLN A 298 12.97 14.02 10.05
C GLN A 298 11.97 14.02 11.20
N ARG A 299 10.98 13.14 11.18
CA ARG A 299 9.98 13.08 12.23
C ARG A 299 9.25 11.75 12.15
N ASN A 300 8.44 11.47 13.17
CA ASN A 300 7.74 10.20 13.25
C ASN A 300 6.71 10.07 12.14
N GLY A 301 6.25 8.84 11.93
CA GLY A 301 5.16 8.62 11.00
C GLY A 301 3.81 9.04 11.56
N LYS A 302 2.85 9.22 10.66
CA LYS A 302 1.46 9.30 11.07
C LYS A 302 1.00 7.95 11.62
N LYS A 303 0.24 7.98 12.70
CA LYS A 303 -0.21 6.74 13.30
C LYS A 303 -1.15 6.01 12.35
N GLN A 304 -0.85 4.73 12.09
CA GLN A 304 -1.77 3.89 11.36
C GLN A 304 -2.98 3.56 12.24
N TYR A 305 -4.07 3.15 11.59
CA TYR A 305 -5.30 2.75 12.28
C TYR A 305 -5.01 1.81 13.45
N CYS A 306 -4.10 0.85 13.25
CA CYS A 306 -3.84 -0.15 14.28
C CYS A 306 -3.19 0.45 15.52
N GLU A 307 -2.63 1.65 15.41
CA GLU A 307 -2.03 2.31 16.56
C GLU A 307 -3.03 3.14 17.35
N THR A 308 -4.28 3.22 16.92
CA THR A 308 -5.26 4.10 17.53
C THR A 308 -6.17 3.39 18.53
N LEU A 309 -5.87 2.17 18.91
CA LEU A 309 -6.67 1.47 19.91
C LEU A 309 -6.49 2.15 21.27
N LYS A 310 -7.60 2.46 21.92
CA LYS A 310 -7.58 3.09 23.23
C LYS A 310 -8.44 2.26 24.18
N PHE A 311 -8.17 2.41 25.47
CA PHE A 311 -8.80 1.60 26.50
C PHE A 311 -9.28 2.50 27.64
N GLY A 312 -10.53 2.30 28.06
CA GLY A 312 -11.02 2.97 29.25
C GLY A 312 -10.01 2.80 30.36
N ILE A 313 -9.92 3.79 31.27
CA ILE A 313 -8.93 3.70 32.32
C ILE A 313 -9.29 2.62 33.33
N PHE A 314 -10.59 2.29 33.45
CA PHE A 314 -11.04 1.23 34.33
C PHE A 314 -10.53 -0.13 33.84
C1 PEG B . 2.24 -0.81 -0.31
O1 PEG B . 2.75 0.42 0.20
C2 PEG B . 1.51 -0.55 -1.60
O2 PEG B . 2.30 -0.82 -2.73
C3 PEG B . 1.57 -1.43 -3.78
C4 PEG B . 2.37 -1.28 -5.05
O4 PEG B . 1.59 -1.63 -6.18
H11 PEG B . 1.63 -1.22 0.33
H12 PEG B . 2.96 -1.44 -0.46
HO1 PEG B . 3.26 0.75 -0.39
H21 PEG B . 1.22 0.38 -1.59
H22 PEG B . 0.71 -1.09 -1.59
H31 PEG B . 0.70 -1.00 -3.89
H32 PEG B . 1.40 -2.37 -3.59
H41 PEG B . 3.15 -1.85 -4.96
H42 PEG B . 2.68 -0.38 -5.09
HO4 PEG B . 2.11 -1.67 -6.86
C1 PGE C . -23.78 1.55 -11.08
O1 PGE C . -24.75 0.56 -11.38
C2 PGE C . -24.18 2.32 -9.85
O2 PGE C . -23.43 3.51 -9.79
C3 PGE C . -22.57 3.53 -8.69
C4 PGE C . -21.15 3.10 -9.00
O4 PGE C . -17.99 2.12 -10.11
C6 PGE C . -18.03 3.39 -9.53
C5 PGE C . -19.29 4.09 -10.03
O3 PGE C . -20.21 4.17 -8.98
H1 PGE C . -23.67 2.18 -11.80
H12 PGE C . -22.91 1.15 -10.91
HO1 PGE C . -24.49 0.13 -12.07
H2 PGE C . -24.03 1.77 -9.06
H22 PGE C . -25.13 2.50 -9.88
H3 PGE C . -22.92 2.93 -8.00
H32 PGE C . -22.54 4.42 -8.31
H4 PGE C . -21.15 2.67 -9.86
H42 PGE C . -20.91 2.42 -8.35
HO4 PGE C . -18.04 2.20 -10.95
H6 PGE C . -17.26 3.93 -9.76
H62 PGE C . -18.07 3.35 -8.55
H5 PGE C . -19.65 3.59 -10.78
H52 PGE C . -19.06 4.97 -10.36
MG MG D . 3.12 1.71 4.26
MG MG E . -14.98 8.17 -11.95
#